data_5YHG
#
_entry.id   5YHG
#
_cell.length_a   86.070
_cell.length_b   156.349
_cell.length_c   42.257
_cell.angle_alpha   90.00
_cell.angle_beta   90.00
_cell.angle_gamma   90.00
#
_symmetry.space_group_name_H-M   'P 21 21 2'
#
loop_
_entity.id
_entity.type
_entity.pdbx_description
1 polymer 'Nickel ABC transporter substrate-binding protein'
2 non-polymer 'ZINC ION'
3 non-polymer GLYCEROL
4 non-polymer DI(HYDROXYETHYL)ETHER
5 non-polymer '(2~{S})-4-[[(2~{R})-3-(1~{H}-imidazol-4-yl)-1-oxidanyl-1-oxidanylidene-propan-2-yl]amino]-2-[[(2~{S})-1-oxidanyl-1-oxidanylidene-propan-2-yl]amino]butanoic acid'
6 non-polymer 'CHLORIDE ION'
7 non-polymer 'ACETATE ION'
8 water water
#
_entity_poly.entity_id   1
_entity_poly.type   'polypeptide(L)'
_entity_poly.pdbx_seq_one_letter_code
;MGLEEKKENKQLTYTTVKDIGDMNPHVYGGSMSAESMIYEPLVRNTKDGIKPLLAKKWDVSEDGKTYTFHLRDDVKFHDG
TPFDADAVKKNIDAVQENKKLHSWLKISTLIDNVKVKDKYTVELNLKEAYQPALAELAMPRPYVFVSPKDFKNGTTKDGV
KKFDGTGPFKLGEHKKDESADFNKNDQYWGEKSKLNKVQAKVMPAGETAFLSMKKGETNFAFTDDRGTDSLDKDSLKQLK
DTGDYQVKRSQPMNTKMLVVNSGKKDNAVSDKTVRQAIGHMVNRDKIAKEILDGQEKPATQLFAKNVTDINFDMPTRKYD
LKKAESLLDEAGWKKGKDSDVRQKDGKNLEMAMYYDKGSSSQKEQAEYLQAEFKKMGIKLNINGETSDKIAERRTSGDYD
LMFNQTWGLLYDPQSTIAAFKAKNGYESATSGIENKDKIYNSIDDAFKIQNGKERSDAYKNILKQIDDEGIFIPISHGSM
TVVAPKDLEKVSFTQSQYELPFNEMQYK
;
_entity_poly.pdbx_strand_id   A
#
loop_
_chem_comp.id
_chem_comp.type
_chem_comp.name
_chem_comp.formula
8UX non-polymer '(2~{S})-4-[[(2~{R})-3-(1~{H}-imidazol-4-yl)-1-oxidanyl-1-oxidanylidene-propan-2-yl]amino]-2-[[(2~{S})-1-oxidanyl-1-oxidanylidene-propan-2-yl]amino]butanoic acid' 'C13 H20 N4 O6'
ACT non-polymer 'ACETATE ION' 'C2 H3 O2 -1'
CL non-polymer 'CHLORIDE ION' 'Cl -1'
GOL non-polymer GLYCEROL 'C3 H8 O3'
PEG non-polymer DI(HYDROXYETHYL)ETHER 'C4 H10 O3'
ZN non-polymer 'ZINC ION' 'Zn 2'
#
# COMPACT_ATOMS: atom_id res chain seq x y z
N GLY A 2 18.45 -21.93 14.85
CA GLY A 2 17.89 -22.61 13.61
C GLY A 2 16.41 -22.75 13.59
N LEU A 3 15.88 -23.40 12.55
CA LEU A 3 14.46 -23.55 12.44
C LEU A 3 13.84 -24.24 13.59
N GLU A 4 14.48 -25.34 14.03
CA GLU A 4 13.92 -26.18 15.09
C GLU A 4 13.73 -25.41 16.37
N GLU A 5 14.79 -24.69 16.77
CA GLU A 5 14.80 -23.91 17.96
C GLU A 5 13.73 -22.80 17.94
N LYS A 6 13.51 -22.19 16.78
CA LYS A 6 12.47 -21.19 16.65
C LYS A 6 11.10 -21.84 16.80
N LYS A 7 10.93 -23.07 16.28
CA LYS A 7 9.71 -23.82 16.48
C LYS A 7 9.53 -24.10 17.96
N GLU A 8 10.61 -24.54 18.61
CA GLU A 8 10.52 -24.97 20.00
C GLU A 8 10.26 -23.81 20.95
N ASN A 9 10.73 -22.63 20.55
CA ASN A 9 10.55 -21.42 21.34
C ASN A 9 9.41 -20.57 20.91
N LYS A 10 8.64 -21.06 19.93
CA LYS A 10 7.45 -20.35 19.45
C LYS A 10 7.74 -18.96 18.91
N GLN A 11 8.67 -18.91 18.00
CA GLN A 11 9.20 -17.68 17.52
C GLN A 11 9.10 -17.69 16.03
N LEU A 12 8.78 -16.51 15.50
CA LEU A 12 9.01 -16.25 14.08
C LEU A 12 9.94 -15.06 13.92
N THR A 13 10.81 -15.16 12.93
CA THR A 13 11.70 -14.08 12.66
C THR A 13 11.68 -13.86 11.22
N TYR A 14 11.14 -12.72 10.79
CA TYR A 14 11.00 -12.50 9.38
C TYR A 14 12.06 -11.58 8.83
N THR A 15 12.45 -11.85 7.60
CA THR A 15 13.41 -11.03 6.90
C THR A 15 12.70 -9.87 6.15
N THR A 16 13.25 -8.70 6.21
CA THR A 16 12.65 -7.58 5.48
C THR A 16 13.73 -6.62 5.14
N VAL A 17 13.57 -5.90 4.05
CA VAL A 17 14.59 -4.94 3.70
C VAL A 17 14.42 -3.65 4.40
N LYS A 18 13.34 -3.41 5.12
CA LYS A 18 13.22 -2.09 5.77
C LYS A 18 12.76 -2.18 7.26
N ASP A 19 13.20 -1.20 8.03
CA ASP A 19 12.88 -1.06 9.43
C ASP A 19 11.39 -0.75 9.62
N ILE A 20 10.89 -0.84 10.84
CA ILE A 20 9.46 -0.59 11.10
C ILE A 20 9.10 0.93 11.00
N GLY A 21 10.09 1.81 11.10
CA GLY A 21 9.81 3.25 10.95
C GLY A 21 9.03 3.79 12.19
N ASP A 22 8.26 4.84 11.97
CA ASP A 22 7.55 5.57 13.03
C ASP A 22 6.22 4.84 13.30
N MET A 23 6.16 4.14 14.43
CA MET A 23 5.04 3.36 14.81
C MET A 23 3.89 4.12 15.42
N ASN A 24 3.82 5.41 15.19
CA ASN A 24 2.61 6.17 15.43
C ASN A 24 1.60 5.95 14.29
N PRO A 25 0.48 5.30 14.57
CA PRO A 25 -0.41 4.92 13.49
C PRO A 25 -1.34 6.03 13.09
N HIS A 26 -1.30 7.17 13.76
CA HIS A 26 -1.99 8.35 13.27
C HIS A 26 -1.30 9.05 12.11
N VAL A 27 -0.17 8.51 11.67
CA VAL A 27 0.52 9.05 10.46
C VAL A 27 0.90 7.80 9.66
N TYR A 28 1.41 7.97 8.46
CA TYR A 28 1.61 6.86 7.59
C TYR A 28 3.00 6.31 7.27
N GLY A 29 3.99 6.69 8.02
CA GLY A 29 5.35 6.32 7.71
C GLY A 29 5.63 4.88 8.18
N GLY A 30 5.00 4.42 9.24
CA GLY A 30 5.34 3.10 9.80
C GLY A 30 4.93 1.87 9.05
N SER A 31 5.59 0.72 9.34
CA SER A 31 5.25 -0.49 8.69
C SER A 31 3.78 -0.78 8.94
N MET A 32 3.02 -1.07 7.90
CA MET A 32 1.60 -1.39 8.09
C MET A 32 1.35 -2.67 8.80
N SER A 33 2.08 -3.74 8.46
CA SER A 33 1.79 -4.97 9.16
C SER A 33 2.19 -4.92 10.60
N ALA A 34 3.32 -4.31 10.91
CA ALA A 34 3.68 -4.08 12.29
C ALA A 34 2.60 -3.36 13.13
N GLU A 35 2.09 -2.25 12.61
CA GLU A 35 1.05 -1.55 13.28
C GLU A 35 -0.26 -2.39 13.44
N SER A 36 -0.57 -3.22 12.47
CA SER A 36 -1.77 -4.07 12.65
C SER A 36 -1.55 -5.21 13.68
N MET A 37 -0.32 -5.44 14.11
CA MET A 37 -0.08 -6.39 15.20
C MET A 37 -0.31 -5.73 16.58
N ILE A 38 -0.17 -4.41 16.64
CA ILE A 38 -0.26 -3.77 17.93
C ILE A 38 -1.43 -2.88 18.16
N TYR A 39 -2.02 -2.31 17.09
CA TYR A 39 -3.10 -1.35 17.22
C TYR A 39 -4.35 -2.00 16.56
N GLU A 40 -5.51 -1.51 16.93
CA GLU A 40 -6.81 -2.06 16.50
C GLU A 40 -7.80 -0.96 16.23
N PRO A 41 -8.69 -1.14 15.20
CA PRO A 41 -9.79 -0.27 14.96
C PRO A 41 -11.01 -0.70 15.78
N LEU A 42 -12.00 0.16 15.78
CA LEU A 42 -13.29 -0.16 16.37
C LEU A 42 -13.98 -1.39 15.77
N VAL A 43 -13.84 -1.56 14.46
CA VAL A 43 -14.46 -2.64 13.69
C VAL A 43 -13.50 -3.13 12.61
N ARG A 44 -13.72 -4.36 12.16
CA ARG A 44 -12.93 -4.95 11.09
C ARG A 44 -13.74 -5.07 9.83
N ASN A 45 -13.12 -4.79 8.69
CA ASN A 45 -13.74 -5.05 7.41
C ASN A 45 -13.25 -6.37 6.83
N THR A 46 -14.12 -7.39 6.82
CA THR A 46 -13.75 -8.76 6.43
C THR A 46 -14.42 -9.11 5.11
N LYS A 47 -14.04 -10.26 4.53
CA LYS A 47 -14.80 -10.75 3.36
C LYS A 47 -16.27 -11.00 3.64
N ASP A 48 -16.67 -11.21 4.88
CA ASP A 48 -18.09 -11.26 5.25
C ASP A 48 -18.66 -9.92 5.70
N GLY A 49 -18.10 -8.77 5.29
CA GLY A 49 -18.57 -7.49 5.79
C GLY A 49 -17.95 -7.08 7.12
N ILE A 50 -18.55 -6.07 7.72
CA ILE A 50 -18.02 -5.40 8.89
C ILE A 50 -18.26 -6.26 10.09
N LYS A 51 -17.28 -6.43 10.96
CA LYS A 51 -17.43 -7.27 12.12
C LYS A 51 -16.93 -6.51 13.34
N PRO A 52 -17.47 -6.84 14.53
CA PRO A 52 -17.07 -6.22 15.80
C PRO A 52 -15.62 -6.41 16.10
N LEU A 53 -15.01 -5.44 16.76
CA LEU A 53 -13.68 -5.62 17.30
C LEU A 53 -13.71 -4.83 18.56
N LEU A 54 -12.99 -3.71 18.68
CA LEU A 54 -13.06 -2.94 19.92
C LEU A 54 -14.45 -2.44 20.26
N ALA A 55 -15.29 -2.23 19.24
CA ALA A 55 -16.76 -2.01 19.46
C ALA A 55 -17.42 -3.33 19.27
N LYS A 56 -18.22 -3.75 20.27
CA LYS A 56 -19.08 -4.95 20.20
C LYS A 56 -20.29 -4.76 19.34
N LYS A 57 -20.97 -3.63 19.47
CA LYS A 57 -22.12 -3.31 18.62
C LYS A 57 -22.13 -1.84 18.42
N TRP A 58 -23.05 -1.41 17.59
CA TRP A 58 -23.20 -0.03 17.16
C TRP A 58 -24.58 0.20 16.55
N ASP A 59 -25.04 1.42 16.72
CA ASP A 59 -26.30 1.91 16.20
C ASP A 59 -26.04 3.08 15.27
N VAL A 60 -26.68 3.09 14.13
CA VAL A 60 -26.69 4.24 13.24
C VAL A 60 -28.02 4.95 13.37
N SER A 61 -28.01 6.26 13.56
CA SER A 61 -29.26 7.03 13.57
C SER A 61 -30.04 6.90 12.25
N GLU A 62 -31.33 7.16 12.32
CA GLU A 62 -32.21 7.30 11.12
C GLU A 62 -31.61 8.12 9.93
N ASP A 63 -31.20 9.35 10.24
CA ASP A 63 -30.61 10.25 9.23
C ASP A 63 -29.18 9.82 8.78
N GLY A 64 -28.59 8.80 9.42
CA GLY A 64 -27.28 8.29 9.05
C GLY A 64 -26.07 9.12 9.57
N LYS A 65 -26.31 10.10 10.46
CA LYS A 65 -25.25 11.09 10.87
C LYS A 65 -24.62 10.78 12.20
N THR A 66 -25.20 9.85 12.95
CA THR A 66 -24.76 9.56 14.27
C THR A 66 -24.59 8.07 14.46
N TYR A 67 -23.34 7.67 14.73
CA TYR A 67 -22.95 6.27 14.98
C TYR A 67 -22.64 6.17 16.47
N THR A 68 -23.26 5.22 17.18
CA THR A 68 -23.11 5.07 18.60
C THR A 68 -22.51 3.70 18.79
N PHE A 69 -21.29 3.64 19.36
CA PHE A 69 -20.52 2.42 19.46
C PHE A 69 -20.55 1.97 20.91
N HIS A 70 -20.85 0.70 21.10
CA HIS A 70 -20.88 0.09 22.43
C HIS A 70 -19.60 -0.68 22.51
N LEU A 71 -18.73 -0.21 23.40
CA LEU A 71 -17.35 -0.68 23.43
C LEU A 71 -17.21 -1.90 24.31
N ARG A 72 -16.28 -2.80 23.99
CA ARG A 72 -15.85 -3.82 24.93
C ARG A 72 -15.41 -3.17 26.27
N ASP A 73 -15.57 -3.89 27.40
CA ASP A 73 -15.23 -3.31 28.71
C ASP A 73 -14.07 -4.04 29.36
N ASP A 74 -13.44 -4.90 28.59
CA ASP A 74 -12.36 -5.73 29.12
C ASP A 74 -11.05 -5.43 28.40
N VAL A 75 -10.89 -4.27 27.80
CA VAL A 75 -9.71 -4.02 26.99
C VAL A 75 -8.82 -3.09 27.73
N LYS A 76 -7.54 -3.40 27.76
CA LYS A 76 -6.47 -2.54 28.29
C LYS A 76 -5.46 -2.24 27.18
N PHE A 77 -4.89 -1.03 27.22
CA PHE A 77 -3.71 -0.71 26.46
C PHE A 77 -2.51 -1.46 27.03
N HIS A 78 -1.44 -1.47 26.27
CA HIS A 78 -0.24 -2.23 26.64
C HIS A 78 0.51 -1.66 27.83
N ASP A 79 0.25 -0.39 28.18
CA ASP A 79 0.76 0.22 29.39
C ASP A 79 -0.16 -0.07 30.62
N GLY A 80 -1.30 -0.68 30.43
CA GLY A 80 -2.14 -0.99 31.59
C GLY A 80 -3.27 -0.01 31.74
N THR A 81 -3.28 1.11 31.00
CA THR A 81 -4.37 2.07 31.10
C THR A 81 -5.57 1.46 30.37
N PRO A 82 -6.80 1.84 30.75
CA PRO A 82 -8.00 1.23 30.15
C PRO A 82 -8.39 1.79 28.81
N PHE A 83 -9.05 0.96 28.03
CA PHE A 83 -9.65 1.38 26.81
C PHE A 83 -11.09 1.61 27.11
N ASP A 84 -11.58 2.77 26.69
CA ASP A 84 -12.96 3.18 27.04
C ASP A 84 -13.36 4.31 26.13
N ALA A 85 -14.57 4.83 26.30
CA ALA A 85 -15.07 5.91 25.45
C ALA A 85 -14.14 7.13 25.37
N ASP A 86 -13.60 7.49 26.51
CA ASP A 86 -12.67 8.58 26.63
C ASP A 86 -11.47 8.36 25.72
N ALA A 87 -10.91 7.18 25.71
CA ALA A 87 -9.73 6.92 24.87
C ALA A 87 -10.08 6.98 23.42
N VAL A 88 -11.30 6.57 23.05
CA VAL A 88 -11.75 6.61 21.69
C VAL A 88 -11.86 8.06 21.25
N LYS A 89 -12.57 8.85 22.05
CA LYS A 89 -12.73 10.28 21.75
C LYS A 89 -11.40 11.04 21.62
N LYS A 90 -10.52 10.86 22.60
CA LYS A 90 -9.22 11.49 22.44
C LYS A 90 -8.45 11.06 21.15
N ASN A 91 -8.45 9.76 20.82
CA ASN A 91 -7.75 9.31 19.59
C ASN A 91 -8.36 9.96 18.38
N ILE A 92 -9.69 9.97 18.27
CA ILE A 92 -10.28 10.51 17.09
C ILE A 92 -10.11 12.01 17.03
N ASP A 93 -10.35 12.71 18.13
CA ASP A 93 -10.02 14.15 18.16
C ASP A 93 -8.57 14.42 17.76
N ALA A 94 -7.65 13.57 18.17
CA ALA A 94 -6.18 13.83 17.88
C ALA A 94 -5.85 13.66 16.40
N VAL A 95 -6.52 12.64 15.81
CA VAL A 95 -6.43 12.47 14.36
C VAL A 95 -7.07 13.67 13.63
N GLN A 96 -8.25 14.05 14.03
CA GLN A 96 -8.94 15.17 13.38
C GLN A 96 -8.28 16.57 13.45
N GLU A 97 -7.53 16.79 14.51
CA GLU A 97 -6.66 17.93 14.68
C GLU A 97 -5.66 18.02 13.54
N ASN A 98 -5.41 16.93 12.84
CA ASN A 98 -4.48 16.90 11.74
C ASN A 98 -5.15 16.46 10.47
N LYS A 99 -6.42 16.77 10.31
CA LYS A 99 -7.19 16.16 9.20
C LYS A 99 -6.72 16.46 7.76
N LYS A 100 -5.91 17.47 7.53
CA LYS A 100 -5.33 17.69 6.19
C LYS A 100 -4.54 16.47 5.63
N LEU A 101 -3.83 15.77 6.50
CA LEU A 101 -3.11 14.52 6.19
C LEU A 101 -4.04 13.36 5.80
N HIS A 102 -5.29 13.44 6.25
CA HIS A 102 -6.24 12.37 6.09
C HIS A 102 -7.31 12.57 5.05
N SER A 103 -7.15 13.62 4.26
CA SER A 103 -8.24 14.00 3.37
C SER A 103 -8.39 13.05 2.20
N TRP A 104 -7.40 12.17 1.99
CA TRP A 104 -7.63 11.03 1.11
C TRP A 104 -8.80 10.13 1.53
N LEU A 105 -9.18 10.15 2.81
CA LEU A 105 -10.23 9.32 3.32
C LEU A 105 -11.36 10.26 3.68
N LYS A 106 -12.51 10.06 3.05
CA LYS A 106 -13.54 11.06 3.03
C LYS A 106 -14.18 11.25 4.39
N ILE A 107 -14.22 10.21 5.18
CA ILE A 107 -14.82 10.36 6.49
C ILE A 107 -14.14 11.46 7.31
N SER A 108 -12.84 11.67 7.12
CA SER A 108 -12.08 12.66 7.91
C SER A 108 -12.62 14.07 7.55
N THR A 109 -13.25 14.22 6.38
CA THR A 109 -13.86 15.50 5.99
C THR A 109 -15.30 15.59 6.51
N LEU A 110 -15.88 14.51 7.00
CA LEU A 110 -17.26 14.54 7.47
C LEU A 110 -17.39 14.52 8.96
N ILE A 111 -16.38 14.05 9.67
CA ILE A 111 -16.45 14.05 11.14
C ILE A 111 -16.63 15.49 11.71
N ASP A 112 -17.71 15.63 12.48
CA ASP A 112 -18.11 16.85 13.13
C ASP A 112 -17.58 16.82 14.55
N ASN A 113 -17.96 15.83 15.35
CA ASN A 113 -17.47 15.75 16.73
C ASN A 113 -17.61 14.34 17.25
N VAL A 114 -16.95 14.08 18.36
CA VAL A 114 -17.19 12.87 19.09
C VAL A 114 -17.66 13.20 20.47
N LYS A 115 -18.66 12.46 20.98
CA LYS A 115 -19.16 12.61 22.36
C LYS A 115 -19.17 11.31 23.17
N VAL A 116 -18.79 11.41 24.41
CA VAL A 116 -18.79 10.27 25.30
C VAL A 116 -20.20 10.27 25.93
N LYS A 117 -20.94 9.18 25.79
CA LYS A 117 -22.25 9.02 26.44
C LYS A 117 -22.17 8.40 27.83
N ASP A 118 -21.39 7.33 27.96
CA ASP A 118 -21.06 6.75 29.29
C ASP A 118 -19.73 6.05 29.09
N LYS A 119 -19.23 5.38 30.12
CA LYS A 119 -17.88 4.84 30.15
C LYS A 119 -17.48 4.01 28.91
N TYR A 120 -18.43 3.27 28.34
CA TYR A 120 -18.21 2.38 27.21
C TYR A 120 -19.09 2.67 26.04
N THR A 121 -19.57 3.92 25.94
CA THR A 121 -20.46 4.33 24.84
C THR A 121 -20.01 5.67 24.30
N VAL A 122 -19.71 5.66 23.02
CA VAL A 122 -19.13 6.81 22.32
C VAL A 122 -19.94 7.05 21.04
N GLU A 123 -20.28 8.30 20.82
CA GLU A 123 -21.05 8.75 19.71
C GLU A 123 -20.11 9.50 18.74
N LEU A 124 -20.25 9.19 17.47
CA LEU A 124 -19.51 9.85 16.42
C LEU A 124 -20.54 10.54 15.55
N ASN A 125 -20.40 11.87 15.41
CA ASN A 125 -21.39 12.67 14.73
C ASN A 125 -20.77 13.16 13.43
N LEU A 126 -21.42 12.85 12.31
CA LEU A 126 -21.01 13.26 10.99
C LEU A 126 -21.80 14.48 10.47
N LYS A 127 -21.22 15.21 9.54
CA LYS A 127 -21.88 16.35 8.89
C LYS A 127 -23.01 15.90 7.94
N GLU A 128 -22.88 14.69 7.42
CA GLU A 128 -23.83 14.04 6.55
C GLU A 128 -23.67 12.50 6.66
N ALA A 129 -24.67 11.81 6.16
CA ALA A 129 -24.77 10.41 6.18
C ALA A 129 -23.67 9.90 5.25
N TYR A 130 -23.13 8.70 5.47
CA TYR A 130 -21.99 8.29 4.68
C TYR A 130 -21.79 6.79 4.93
N GLN A 131 -22.24 5.98 3.97
CA GLN A 131 -22.27 4.56 4.18
C GLN A 131 -20.90 3.86 4.27
N PRO A 132 -19.86 4.34 3.57
CA PRO A 132 -18.53 3.79 3.84
C PRO A 132 -17.88 4.14 5.18
N ALA A 133 -18.56 4.88 6.05
CA ALA A 133 -18.01 5.23 7.37
C ALA A 133 -17.39 4.07 8.12
N LEU A 134 -18.16 3.00 8.31
CA LEU A 134 -17.65 1.84 9.04
C LEU A 134 -16.44 1.25 8.35
N ALA A 135 -16.48 1.21 7.03
CA ALA A 135 -15.36 0.63 6.27
C ALA A 135 -14.05 1.44 6.47
N GLU A 136 -14.17 2.75 6.54
CA GLU A 136 -13.03 3.65 6.68
C GLU A 136 -12.52 3.67 8.11
N LEU A 137 -13.43 3.49 9.07
CA LEU A 137 -13.05 3.25 10.46
C LEU A 137 -12.35 1.87 10.69
N ALA A 138 -12.56 0.92 9.78
CA ALA A 138 -11.83 -0.38 9.85
C ALA A 138 -10.39 -0.39 9.30
N MET A 139 -9.98 0.71 8.70
CA MET A 139 -8.66 0.78 8.13
C MET A 139 -7.57 0.77 9.17
N PRO A 140 -6.36 0.29 8.79
CA PRO A 140 -5.24 0.17 9.74
C PRO A 140 -4.66 1.46 10.20
N ARG A 141 -4.82 2.52 9.39
CA ARG A 141 -4.56 3.89 9.77
C ARG A 141 -5.61 4.74 9.12
N PRO A 142 -6.08 5.84 9.75
CA PRO A 142 -5.51 6.38 10.99
C PRO A 142 -6.32 6.13 12.23
N TYR A 143 -7.53 5.59 12.06
CA TYR A 143 -8.45 5.53 13.21
C TYR A 143 -8.28 4.25 14.08
N VAL A 144 -7.09 4.08 14.64
CA VAL A 144 -6.81 2.98 15.53
C VAL A 144 -6.28 3.64 16.77
N PHE A 145 -6.30 2.89 17.87
CA PHE A 145 -6.23 3.45 19.20
C PHE A 145 -4.88 3.31 19.94
N VAL A 146 -4.24 4.44 20.14
CA VAL A 146 -3.01 4.62 20.94
C VAL A 146 -3.34 5.03 22.41
N SER A 147 -2.64 4.46 23.38
CA SER A 147 -2.91 4.90 24.80
C SER A 147 -2.90 6.42 24.91
N PRO A 148 -3.93 7.04 25.49
CA PRO A 148 -3.82 8.53 25.62
C PRO A 148 -2.64 9.01 26.52
N LYS A 149 -2.11 8.13 27.37
CA LYS A 149 -0.98 8.50 28.22
C LYS A 149 0.28 8.70 27.37
N ASP A 150 0.29 8.15 26.15
CA ASP A 150 1.36 8.31 25.20
C ASP A 150 1.25 9.54 24.30
N PHE A 151 0.18 10.29 24.40
CA PHE A 151 0.09 11.49 23.63
C PHE A 151 1.12 12.53 24.16
N LYS A 152 1.45 13.50 23.32
CA LYS A 152 2.28 14.62 23.71
C LYS A 152 1.43 15.84 23.91
N ASN A 153 1.13 16.16 25.18
CA ASN A 153 0.24 17.28 25.54
C ASN A 153 -1.06 17.15 24.79
N GLY A 154 -1.65 15.97 24.91
CA GLY A 154 -2.89 15.69 24.25
C GLY A 154 -2.90 15.59 22.75
N THR A 155 -1.74 15.51 22.05
CA THR A 155 -1.70 15.40 20.58
C THR A 155 -0.94 14.15 20.14
N THR A 156 -1.16 13.77 18.88
CA THR A 156 -0.37 12.71 18.24
C THR A 156 0.18 13.20 16.94
N LYS A 157 -0.28 14.32 16.37
CA LYS A 157 0.20 14.76 15.08
C LYS A 157 1.72 14.99 14.99
N ASP A 158 2.38 15.27 16.11
CA ASP A 158 3.84 15.43 16.15
C ASP A 158 4.53 14.28 16.88
N GLY A 159 3.87 13.13 16.91
CA GLY A 159 4.40 11.93 17.55
C GLY A 159 3.74 11.61 18.88
N VAL A 160 4.14 10.44 19.34
CA VAL A 160 3.69 9.87 20.58
C VAL A 160 4.92 9.53 21.37
N LYS A 161 4.76 9.28 22.69
CA LYS A 161 5.92 9.11 23.57
C LYS A 161 6.30 7.63 23.68
N LYS A 162 5.35 6.72 23.52
CA LYS A 162 5.53 5.29 23.44
C LYS A 162 4.44 4.77 22.47
N PHE A 163 4.48 3.48 22.17
CA PHE A 163 3.71 2.88 21.11
C PHE A 163 2.77 1.79 21.68
N ASP A 164 1.95 2.18 22.66
CA ASP A 164 0.99 1.26 23.33
C ASP A 164 -0.36 1.24 22.59
N GLY A 165 -0.69 0.07 22.06
CA GLY A 165 -2.00 -0.22 21.44
C GLY A 165 -2.76 -1.17 22.33
N THR A 166 -3.80 -1.79 21.76
CA THR A 166 -4.57 -2.77 22.40
C THR A 166 -4.36 -4.19 21.80
N GLY A 167 -3.48 -4.37 20.82
CA GLY A 167 -3.51 -5.49 19.96
C GLY A 167 -2.86 -6.72 20.59
N PRO A 168 -2.86 -7.82 19.86
CA PRO A 168 -2.33 -9.09 20.41
C PRO A 168 -0.81 -9.13 20.57
N PHE A 169 -0.11 -8.18 19.99
CA PHE A 169 1.31 -8.01 20.28
C PHE A 169 1.62 -6.65 20.82
N LYS A 170 2.72 -6.59 21.59
CA LYS A 170 3.33 -5.34 22.06
C LYS A 170 4.71 -5.13 21.44
N LEU A 171 5.04 -3.89 21.19
CA LEU A 171 6.34 -3.49 20.63
C LEU A 171 7.36 -3.58 21.70
N GLY A 172 8.45 -4.31 21.46
CA GLY A 172 9.53 -4.50 22.41
C GLY A 172 10.81 -3.83 21.96
N GLU A 173 11.90 -4.58 22.05
CA GLU A 173 13.20 -4.07 21.71
C GLU A 173 13.31 -3.82 20.25
N HIS A 174 13.66 -2.60 19.90
CA HIS A 174 13.88 -2.18 18.55
C HIS A 174 15.30 -1.62 18.40
N LYS A 175 16.13 -2.21 17.55
CA LYS A 175 17.44 -1.70 17.26
C LYS A 175 17.33 -1.22 15.84
N LYS A 176 17.48 0.08 15.67
CA LYS A 176 17.29 0.74 14.42
C LYS A 176 18.02 0.02 13.27
N ASP A 177 17.30 -0.24 12.18
CA ASP A 177 17.84 -0.88 10.98
C ASP A 177 18.38 -2.26 11.21
N GLU A 178 17.97 -2.90 12.30
CA GLU A 178 18.49 -4.22 12.62
C GLU A 178 17.34 -5.15 12.98
N SER A 179 16.63 -4.89 14.07
CA SER A 179 15.53 -5.75 14.47
C SER A 179 14.47 -5.02 15.28
N ALA A 180 13.23 -5.51 15.20
CA ALA A 180 12.16 -5.07 16.12
C ALA A 180 11.40 -6.25 16.63
N ASP A 181 11.15 -6.29 17.92
CA ASP A 181 10.45 -7.41 18.57
C ASP A 181 8.96 -7.10 18.73
N PHE A 182 8.09 -8.04 18.38
CA PHE A 182 6.69 -7.93 18.69
C PHE A 182 6.45 -9.09 19.64
N ASN A 183 6.24 -8.77 20.91
CA ASN A 183 6.03 -9.79 21.95
C ASN A 183 4.57 -10.02 22.24
N LYS A 184 4.24 -11.28 22.55
CA LYS A 184 2.87 -11.73 22.82
C LYS A 184 2.29 -10.92 23.94
N ASN A 185 1.04 -10.50 23.78
CA ASN A 185 0.39 -9.64 24.75
C ASN A 185 -0.44 -10.64 25.59
N ASP A 186 0.09 -10.93 26.74
CA ASP A 186 -0.56 -11.92 27.60
C ASP A 186 -1.84 -11.36 28.19
N GLN A 187 -2.06 -10.04 28.14
CA GLN A 187 -3.33 -9.49 28.63
C GLN A 187 -4.30 -9.22 27.51
N TYR A 188 -4.06 -9.79 26.34
CA TYR A 188 -4.81 -9.40 25.18
C TYR A 188 -6.21 -9.88 25.45
N TRP A 189 -7.18 -9.10 25.02
CA TRP A 189 -8.59 -9.33 25.25
C TRP A 189 -9.23 -10.39 24.40
N GLY A 190 -8.73 -10.57 23.18
CA GLY A 190 -9.34 -11.44 22.17
C GLY A 190 -8.61 -12.80 21.98
N GLU A 191 -8.38 -13.18 20.73
CA GLU A 191 -7.63 -14.43 20.46
C GLU A 191 -6.18 -14.13 20.71
N LYS A 192 -5.65 -14.69 21.79
CA LYS A 192 -4.23 -14.50 22.17
C LYS A 192 -3.30 -15.21 21.17
N SER A 193 -2.09 -14.68 21.05
CA SER A 193 -1.16 -15.19 20.12
C SER A 193 -0.72 -16.61 20.62
N LYS A 194 -0.52 -17.56 19.72
CA LYS A 194 0.23 -18.77 20.09
C LYS A 194 1.72 -18.52 20.04
N LEU A 195 2.21 -17.61 19.19
CA LEU A 195 3.62 -17.31 19.12
C LEU A 195 4.04 -16.41 20.28
N ASN A 196 5.18 -16.70 20.91
CA ASN A 196 5.74 -15.80 21.93
C ASN A 196 6.23 -14.54 21.36
N LYS A 197 6.85 -14.60 20.18
CA LYS A 197 7.48 -13.42 19.65
C LYS A 197 7.61 -13.47 18.15
N VAL A 198 7.39 -12.33 17.51
CA VAL A 198 7.61 -12.20 16.08
C VAL A 198 8.61 -11.07 15.93
N GLN A 199 9.69 -11.34 15.22
CA GLN A 199 10.76 -10.37 15.14
C GLN A 199 10.95 -9.99 13.68
N ALA A 200 10.99 -8.68 13.44
CA ALA A 200 11.28 -8.12 12.13
C ALA A 200 12.78 -7.87 12.08
N LYS A 201 13.47 -8.58 11.19
CA LYS A 201 14.90 -8.53 11.06
C LYS A 201 15.26 -7.91 9.73
N VAL A 202 15.97 -6.80 9.79
CA VAL A 202 16.25 -5.98 8.62
C VAL A 202 17.54 -6.51 7.93
N MET A 203 17.51 -6.75 6.63
CA MET A 203 18.69 -7.14 5.88
C MET A 203 18.46 -6.95 4.37
N PRO A 204 19.54 -6.82 3.60
CA PRO A 204 19.29 -6.63 2.18
C PRO A 204 18.62 -7.77 1.56
N ALA A 205 17.91 -7.50 0.49
CA ALA A 205 17.22 -8.57 -0.23
C ALA A 205 18.27 -9.47 -0.99
N GLY A 206 17.83 -10.39 -1.81
CA GLY A 206 18.75 -11.22 -2.60
C GLY A 206 19.45 -12.29 -1.78
N GLU A 207 20.76 -12.40 -2.01
CA GLU A 207 21.57 -13.50 -1.46
C GLU A 207 21.64 -13.45 0.07
N THR A 208 21.63 -12.26 0.66
CA THR A 208 21.68 -12.17 2.11
C THR A 208 20.45 -12.71 2.76
N ALA A 209 19.31 -12.23 2.28
CA ALA A 209 18.01 -12.76 2.73
C ALA A 209 17.92 -14.25 2.53
N PHE A 210 18.37 -14.74 1.38
CA PHE A 210 18.21 -16.20 1.06
C PHE A 210 19.00 -17.08 2.04
N LEU A 211 20.25 -16.71 2.23
CA LEU A 211 21.12 -17.45 3.15
C LEU A 211 20.60 -17.38 4.62
N SER A 212 20.19 -16.18 5.05
CA SER A 212 19.57 -15.98 6.36
C SER A 212 18.46 -16.97 6.54
N MET A 213 17.58 -17.10 5.53
CA MET A 213 16.48 -18.04 5.63
C MET A 213 16.92 -19.54 5.60
N LYS A 214 17.87 -19.89 4.71
CA LYS A 214 18.31 -21.31 4.54
C LYS A 214 18.86 -21.86 5.86
N LYS A 215 19.64 -21.04 6.57
CA LYS A 215 20.18 -21.40 7.85
C LYS A 215 19.24 -21.16 9.11
N GLY A 216 18.02 -20.66 8.89
CA GLY A 216 17.05 -20.45 9.95
C GLY A 216 17.33 -19.30 10.88
N GLU A 217 18.20 -18.38 10.50
CA GLU A 217 18.35 -17.12 11.23
C GLU A 217 17.07 -16.27 11.06
N THR A 218 16.50 -16.31 9.89
CA THR A 218 15.11 -15.86 9.74
C THR A 218 14.38 -17.10 9.32
N ASN A 219 13.05 -17.13 9.49
CA ASN A 219 12.26 -18.27 9.06
C ASN A 219 10.93 -17.91 8.52
N PHE A 220 10.80 -16.68 8.05
CA PHE A 220 9.54 -16.24 7.55
C PHE A 220 9.80 -15.06 6.60
N ALA A 221 8.95 -14.91 5.59
CA ALA A 221 8.99 -13.68 4.74
C ALA A 221 7.68 -13.42 4.11
N PHE A 222 7.42 -12.15 3.83
CA PHE A 222 6.21 -11.79 3.22
C PHE A 222 6.35 -10.44 2.53
N THR A 223 5.54 -10.25 1.49
CA THR A 223 5.56 -9.04 0.65
C THR A 223 5.32 -7.86 1.60
N ASP A 224 6.28 -6.94 1.67
CA ASP A 224 6.12 -5.76 2.50
C ASP A 224 5.03 -4.82 2.02
N ASP A 225 4.77 -3.75 2.77
CA ASP A 225 3.73 -2.80 2.43
C ASP A 225 3.97 -1.92 1.21
N ARG A 226 5.13 -2.03 0.61
CA ARG A 226 5.46 -1.32 -0.63
C ARG A 226 5.54 -2.33 -1.79
N GLY A 227 5.21 -3.59 -1.51
CA GLY A 227 5.13 -4.64 -2.50
C GLY A 227 6.40 -5.39 -2.78
N THR A 228 7.39 -5.29 -1.90
CA THR A 228 8.66 -5.81 -2.20
C THR A 228 8.73 -7.17 -1.55
N ASP A 229 9.19 -8.15 -2.33
CA ASP A 229 9.47 -9.55 -1.84
C ASP A 229 10.99 -9.70 -1.79
N SER A 230 11.51 -10.04 -0.63
CA SER A 230 12.93 -10.15 -0.44
C SER A 230 13.54 -11.34 -1.19
N LEU A 231 12.73 -12.28 -1.61
CA LEU A 231 13.23 -13.50 -2.24
C LEU A 231 12.68 -13.74 -3.63
N ASP A 232 13.56 -14.02 -4.57
CA ASP A 232 13.10 -14.21 -5.96
C ASP A 232 12.56 -15.66 -6.16
N LYS A 233 12.07 -15.97 -7.37
CA LYS A 233 11.43 -17.26 -7.67
C LYS A 233 12.36 -18.44 -7.40
N ASP A 234 13.64 -18.28 -7.70
CA ASP A 234 14.58 -19.39 -7.55
C ASP A 234 14.97 -19.59 -6.06
N SER A 235 14.99 -18.51 -5.29
CA SER A 235 15.13 -18.64 -3.82
C SER A 235 13.97 -19.39 -3.22
N LEU A 236 12.78 -19.01 -3.64
CA LEU A 236 11.61 -19.75 -3.19
C LEU A 236 11.69 -21.26 -3.48
N LYS A 237 12.20 -21.58 -4.68
CA LYS A 237 12.39 -22.97 -5.13
C LYS A 237 13.38 -23.69 -4.21
N GLN A 238 14.54 -23.07 -4.05
CA GLN A 238 15.53 -23.59 -3.17
C GLN A 238 15.08 -23.78 -1.69
N LEU A 239 14.25 -22.87 -1.18
CA LEU A 239 13.69 -23.04 0.16
C LEU A 239 12.66 -24.18 0.24
N LYS A 240 11.71 -24.26 -0.70
CA LYS A 240 10.78 -25.40 -0.70
C LYS A 240 11.60 -26.73 -0.72
N ASP A 241 12.58 -26.73 -1.60
CA ASP A 241 13.44 -27.86 -1.80
C ASP A 241 14.20 -28.33 -0.57
N THR A 242 14.48 -27.45 0.38
CA THR A 242 15.12 -27.91 1.61
C THR A 242 14.25 -28.89 2.44
N GLY A 243 13.02 -29.14 2.04
CA GLY A 243 12.02 -29.68 2.94
C GLY A 243 11.46 -28.84 4.11
N ASP A 244 12.12 -27.75 4.53
CA ASP A 244 11.79 -26.98 5.73
C ASP A 244 10.70 -25.91 5.51
N TYR A 245 10.52 -25.45 4.29
CA TYR A 245 9.66 -24.29 4.04
C TYR A 245 8.50 -24.59 3.10
N GLN A 246 7.38 -23.89 3.29
CA GLN A 246 6.21 -23.87 2.38
C GLN A 246 6.05 -22.41 1.89
N VAL A 247 5.27 -22.21 0.83
CA VAL A 247 5.15 -20.93 0.10
C VAL A 247 3.68 -20.81 -0.20
N LYS A 248 3.01 -19.76 0.30
CA LYS A 248 1.61 -19.46 0.02
C LYS A 248 1.56 -18.12 -0.71
N ARG A 249 0.56 -17.98 -1.58
CA ARG A 249 0.39 -16.83 -2.44
C ARG A 249 -1.10 -16.49 -2.40
N SER A 250 -1.43 -15.22 -2.18
CA SER A 250 -2.77 -14.82 -2.00
C SER A 250 -3.44 -14.78 -3.35
N GLN A 251 -4.72 -14.55 -3.37
CA GLN A 251 -5.37 -14.17 -4.62
C GLN A 251 -4.67 -12.84 -5.12
N PRO A 252 -4.74 -12.52 -6.42
CA PRO A 252 -4.26 -11.24 -6.94
C PRO A 252 -4.91 -10.07 -6.23
N MET A 253 -4.09 -9.14 -5.77
CA MET A 253 -4.61 -8.04 -4.95
C MET A 253 -4.52 -6.62 -5.53
N ASN A 254 -3.67 -6.36 -6.51
CA ASN A 254 -3.36 -5.04 -6.92
C ASN A 254 -2.98 -5.02 -8.37
N THR A 255 -2.82 -3.82 -8.90
CA THR A 255 -2.16 -3.64 -10.19
C THR A 255 -0.80 -2.96 -9.91
N LYS A 256 0.26 -3.48 -10.49
CA LYS A 256 1.60 -2.92 -10.40
C LYS A 256 1.79 -2.15 -11.68
N MET A 257 2.18 -0.88 -11.54
CA MET A 257 2.25 0.04 -12.68
C MET A 257 3.45 0.95 -12.66
N LEU A 258 3.70 1.53 -13.85
CA LEU A 258 4.59 2.65 -14.01
C LEU A 258 3.81 3.94 -13.78
N VAL A 259 4.37 4.86 -13.00
CA VAL A 259 3.78 6.17 -12.81
C VAL A 259 4.58 7.18 -13.62
N VAL A 260 3.90 8.03 -14.38
CA VAL A 260 4.59 8.93 -15.36
C VAL A 260 4.22 10.37 -14.98
N ASN A 261 5.22 11.17 -14.60
CA ASN A 261 4.97 12.39 -13.89
C ASN A 261 4.60 13.54 -14.83
N SER A 262 3.30 13.73 -15.09
CA SER A 262 2.85 14.87 -15.88
C SER A 262 3.28 16.17 -15.31
N GLY A 263 3.46 16.24 -13.99
CA GLY A 263 3.93 17.47 -13.38
C GLY A 263 5.41 17.80 -13.46
N LYS A 264 6.25 16.95 -14.02
CA LYS A 264 7.68 17.24 -14.07
C LYS A 264 8.01 18.19 -15.26
N LYS A 265 7.87 19.49 -15.02
CA LYS A 265 7.96 20.46 -16.12
C LYS A 265 9.33 20.55 -16.82
N ASP A 266 10.42 20.33 -16.09
CA ASP A 266 11.76 20.28 -16.67
C ASP A 266 12.08 19.03 -17.50
N ASN A 267 11.10 18.15 -17.82
CA ASN A 267 11.40 16.90 -18.56
C ASN A 267 10.32 16.58 -19.60
N ALA A 268 10.71 15.81 -20.59
CA ALA A 268 9.80 15.40 -21.65
C ALA A 268 8.54 14.68 -21.16
N VAL A 269 8.58 13.93 -20.05
CA VAL A 269 7.39 13.27 -19.58
C VAL A 269 6.26 14.29 -19.20
N SER A 270 6.54 15.58 -19.07
CA SER A 270 5.42 16.55 -19.00
C SER A 270 4.65 16.74 -20.35
N ASP A 271 5.12 16.23 -21.48
CA ASP A 271 4.43 16.38 -22.74
C ASP A 271 3.50 15.17 -22.89
N LYS A 272 2.19 15.41 -22.96
CA LYS A 272 1.28 14.31 -23.19
C LYS A 272 1.74 13.34 -24.29
N THR A 273 2.29 13.86 -25.38
CA THR A 273 2.58 13.06 -26.54
C THR A 273 3.67 12.07 -26.27
N VAL A 274 4.68 12.49 -25.49
CA VAL A 274 5.76 11.64 -25.06
C VAL A 274 5.24 10.55 -24.11
N ARG A 275 4.32 10.94 -23.23
CA ARG A 275 3.69 10.01 -22.32
C ARG A 275 2.95 8.96 -23.12
N GLN A 276 2.23 9.38 -24.14
CA GLN A 276 1.51 8.38 -25.00
C GLN A 276 2.47 7.44 -25.72
N ALA A 277 3.61 7.99 -26.13
CA ALA A 277 4.61 7.19 -26.80
C ALA A 277 5.18 6.12 -25.84
N ILE A 278 5.58 6.55 -24.66
CA ILE A 278 6.08 5.64 -23.62
C ILE A 278 5.12 4.51 -23.37
N GLY A 279 3.85 4.84 -23.36
CA GLY A 279 2.77 3.83 -23.21
C GLY A 279 2.75 2.66 -24.18
N HIS A 280 3.30 2.87 -25.36
CA HIS A 280 3.40 1.82 -26.35
C HIS A 280 4.75 1.12 -26.32
N MET A 281 5.60 1.47 -25.34
CA MET A 281 6.95 0.96 -25.22
C MET A 281 7.12 -0.07 -24.09
N VAL A 282 6.01 -0.56 -23.54
CA VAL A 282 6.08 -1.43 -22.35
C VAL A 282 5.43 -2.73 -22.71
N ASN A 283 6.29 -3.71 -22.97
CA ASN A 283 5.83 -5.03 -23.36
C ASN A 283 5.35 -5.87 -22.19
N ARG A 284 4.16 -5.57 -21.67
CA ARG A 284 3.67 -6.16 -20.46
C ARG A 284 3.50 -7.70 -20.59
N ASP A 285 3.18 -8.17 -21.79
CA ASP A 285 3.00 -9.60 -22.00
C ASP A 285 4.25 -10.39 -21.78
N LYS A 286 5.31 -9.89 -22.39
CA LYS A 286 6.61 -10.51 -22.25
C LYS A 286 7.20 -10.33 -20.83
N ILE A 287 6.96 -9.17 -20.24
CA ILE A 287 7.44 -8.89 -18.87
C ILE A 287 6.78 -9.94 -17.95
N ALA A 288 5.47 -10.18 -18.14
CA ALA A 288 4.73 -11.09 -17.26
C ALA A 288 5.17 -12.52 -17.41
N LYS A 289 5.37 -12.90 -18.66
CA LYS A 289 5.73 -14.26 -19.01
C LYS A 289 7.19 -14.51 -18.70
N GLU A 290 8.06 -13.61 -19.11
CA GLU A 290 9.50 -13.93 -19.08
C GLU A 290 10.24 -13.35 -17.87
N ILE A 291 9.95 -12.09 -17.53
CA ILE A 291 10.68 -11.43 -16.45
C ILE A 291 10.12 -11.82 -15.06
N LEU A 292 8.80 -12.01 -14.97
CA LEU A 292 8.09 -12.35 -13.73
C LEU A 292 7.75 -13.85 -13.65
N ASP A 293 8.35 -14.62 -14.56
CA ASP A 293 8.18 -16.05 -14.69
C ASP A 293 6.78 -16.57 -14.66
N GLY A 294 5.85 -15.83 -15.24
CA GLY A 294 4.47 -16.27 -15.24
C GLY A 294 3.77 -16.24 -13.90
N GLN A 295 4.40 -15.68 -12.88
CA GLN A 295 3.83 -15.63 -11.53
C GLN A 295 2.77 -14.57 -11.38
N GLU A 296 2.69 -13.63 -12.31
CA GLU A 296 1.68 -12.60 -12.26
C GLU A 296 1.10 -12.44 -13.64
N LYS A 297 -0.17 -12.16 -13.73
CA LYS A 297 -0.75 -11.97 -15.03
C LYS A 297 -0.58 -10.54 -15.43
N PRO A 298 -0.47 -10.32 -16.74
CA PRO A 298 -0.31 -8.93 -17.18
C PRO A 298 -1.57 -8.11 -16.91
N ALA A 299 -1.40 -6.79 -16.78
CA ALA A 299 -2.51 -5.89 -16.48
C ALA A 299 -2.69 -4.91 -17.60
N THR A 300 -3.90 -4.85 -18.18
CA THR A 300 -4.18 -4.00 -19.34
C THR A 300 -4.99 -2.76 -18.96
N GLN A 301 -5.34 -2.67 -17.70
CA GLN A 301 -5.95 -1.48 -17.15
C GLN A 301 -5.63 -1.36 -15.69
N LEU A 302 -5.80 -0.16 -15.15
CA LEU A 302 -5.27 0.18 -13.79
C LEU A 302 -5.97 -0.63 -12.70
N PHE A 303 -7.28 -0.73 -12.79
CA PHE A 303 -8.10 -1.55 -11.92
C PHE A 303 -8.81 -2.59 -12.77
N ALA A 304 -8.64 -3.86 -12.39
CA ALA A 304 -9.07 -4.97 -13.20
C ALA A 304 -10.56 -4.94 -13.20
N LYS A 305 -11.13 -5.46 -14.31
CA LYS A 305 -12.59 -5.56 -14.53
C LYS A 305 -13.32 -6.07 -13.28
N ASN A 306 -12.75 -7.10 -12.63
CA ASN A 306 -13.36 -7.73 -11.46
C ASN A 306 -13.28 -6.92 -10.15
N VAL A 307 -12.65 -5.74 -10.16
CA VAL A 307 -12.58 -4.88 -8.97
C VAL A 307 -13.96 -4.26 -8.75
N THR A 308 -14.39 -4.14 -7.50
CA THR A 308 -15.69 -3.50 -7.17
C THR A 308 -15.88 -2.17 -7.89
N ASP A 309 -17.05 -2.01 -8.48
CA ASP A 309 -17.46 -0.81 -9.18
C ASP A 309 -16.72 -0.53 -10.50
N ILE A 310 -15.90 -1.45 -10.96
CA ILE A 310 -15.24 -1.25 -12.22
C ILE A 310 -16.16 -2.00 -13.19
N ASN A 311 -15.96 -3.32 -13.35
CA ASN A 311 -16.83 -4.07 -14.25
C ASN A 311 -16.87 -3.48 -15.68
N PHE A 312 -15.71 -3.13 -16.20
CA PHE A 312 -15.61 -2.66 -17.58
C PHE A 312 -14.27 -3.08 -18.08
N ASP A 313 -14.15 -3.20 -19.40
CA ASP A 313 -12.88 -3.43 -20.06
C ASP A 313 -12.50 -2.10 -20.66
N MET A 314 -11.30 -1.61 -20.34
CA MET A 314 -10.80 -0.34 -20.90
C MET A 314 -9.32 -0.62 -21.13
N PRO A 315 -9.01 -1.48 -22.16
CA PRO A 315 -7.62 -1.86 -22.44
C PRO A 315 -6.82 -0.63 -22.77
N THR A 316 -5.64 -0.53 -22.17
CA THR A 316 -4.79 0.63 -22.38
C THR A 316 -3.96 0.49 -23.68
N ARG A 317 -3.15 1.48 -23.99
CA ARG A 317 -2.16 1.39 -25.08
C ARG A 317 -1.41 0.06 -25.10
N LYS A 318 -1.35 -0.57 -26.29
CA LYS A 318 -0.55 -1.79 -26.47
C LYS A 318 0.90 -1.53 -26.86
N TYR A 319 1.65 -2.58 -26.68
CA TYR A 319 3.05 -2.59 -27.04
C TYR A 319 3.10 -2.44 -28.55
N ASP A 320 3.76 -1.39 -29.03
CA ASP A 320 3.74 -1.05 -30.45
C ASP A 320 4.77 0.02 -30.76
N LEU A 321 5.98 -0.40 -31.13
CA LEU A 321 7.06 0.53 -31.25
C LEU A 321 6.91 1.52 -32.41
N LYS A 322 6.27 1.12 -33.52
CA LYS A 322 6.00 2.04 -34.64
C LYS A 322 5.10 3.14 -34.19
N LYS A 323 4.12 2.79 -33.38
CA LYS A 323 3.23 3.79 -32.84
C LYS A 323 4.08 4.71 -31.96
N ALA A 324 4.99 4.17 -31.15
CA ALA A 324 5.85 5.01 -30.27
C ALA A 324 6.74 5.94 -31.06
N GLU A 325 7.36 5.38 -32.10
CA GLU A 325 8.19 6.21 -33.00
C GLU A 325 7.40 7.38 -33.56
N SER A 326 6.22 7.06 -34.07
CA SER A 326 5.44 8.05 -34.75
C SER A 326 4.99 9.16 -33.77
N LEU A 327 4.58 8.78 -32.57
CA LEU A 327 4.31 9.79 -31.49
C LEU A 327 5.54 10.56 -31.05
N LEU A 328 6.71 9.93 -30.94
CA LEU A 328 7.89 10.75 -30.56
C LEU A 328 8.25 11.74 -31.69
N ASP A 329 8.02 11.35 -32.94
CA ASP A 329 8.34 12.20 -34.06
C ASP A 329 7.38 13.40 -34.01
N GLU A 330 6.07 13.14 -33.87
CA GLU A 330 5.10 14.22 -33.62
C GLU A 330 5.51 15.21 -32.54
N ALA A 331 6.09 14.72 -31.47
CA ALA A 331 6.51 15.58 -30.38
C ALA A 331 7.80 16.28 -30.68
N GLY A 332 8.41 16.01 -31.84
CA GLY A 332 9.62 16.72 -32.28
C GLY A 332 10.87 16.11 -31.70
N TRP A 333 10.75 14.91 -31.11
CA TRP A 333 11.90 14.17 -30.58
C TRP A 333 12.33 13.17 -31.66
N LYS A 334 13.04 13.69 -32.66
CA LYS A 334 13.39 12.90 -33.83
C LYS A 334 14.81 12.40 -33.71
N LYS A 335 15.11 11.28 -34.38
CA LYS A 335 16.50 10.74 -34.34
C LYS A 335 17.54 11.55 -35.16
N GLY A 336 17.70 11.24 -36.44
CA GLY A 336 18.90 11.65 -37.20
C GLY A 336 19.38 10.51 -38.10
N LYS A 337 20.01 10.88 -39.23
CA LYS A 337 20.75 9.91 -40.06
C LYS A 337 22.02 9.55 -39.28
N ASP A 338 22.78 10.60 -38.93
CA ASP A 338 23.86 10.53 -37.93
C ASP A 338 23.63 9.36 -36.96
N SER A 339 22.67 9.51 -36.04
CA SER A 339 22.43 8.44 -35.05
C SER A 339 20.97 8.05 -34.83
N ASP A 340 20.80 6.93 -34.11
CA ASP A 340 19.50 6.45 -33.67
C ASP A 340 18.97 7.14 -32.39
N VAL A 341 19.71 8.13 -31.83
CA VAL A 341 19.36 8.83 -30.61
C VAL A 341 18.48 10.06 -30.82
N ARG A 342 17.49 10.25 -29.93
CA ARG A 342 16.45 11.24 -30.15
C ARG A 342 16.73 12.56 -29.45
N GLN A 343 16.45 13.65 -30.17
CA GLN A 343 16.89 14.99 -29.80
C GLN A 343 15.84 16.02 -30.15
N LYS A 344 15.85 17.12 -29.44
CA LYS A 344 14.93 18.21 -29.65
C LYS A 344 15.58 19.42 -29.07
N ASP A 345 15.69 20.51 -29.86
CA ASP A 345 16.27 21.77 -29.37
C ASP A 345 17.68 21.60 -28.86
N GLY A 346 18.45 20.75 -29.54
CA GLY A 346 19.83 20.45 -29.14
C GLY A 346 20.05 19.56 -27.91
N LYS A 347 18.98 19.05 -27.27
CA LYS A 347 19.09 18.20 -26.06
C LYS A 347 18.69 16.76 -26.38
N ASN A 348 19.37 15.82 -25.75
CA ASN A 348 19.01 14.41 -25.90
C ASN A 348 17.81 14.05 -25.02
N LEU A 349 17.04 13.06 -25.45
CA LEU A 349 15.84 12.65 -24.76
C LEU A 349 16.29 11.70 -23.63
N GLU A 350 16.13 12.14 -22.38
CA GLU A 350 16.46 11.33 -21.21
C GLU A 350 15.41 11.46 -20.15
N MET A 351 15.34 10.44 -19.32
CA MET A 351 14.39 10.39 -18.24
C MET A 351 14.98 9.56 -17.13
N ALA A 352 14.56 9.88 -15.92
CA ALA A 352 15.06 9.22 -14.77
C ALA A 352 13.90 8.37 -14.25
N MET A 353 14.15 7.06 -14.13
CA MET A 353 13.23 6.09 -13.58
C MET A 353 13.75 5.62 -12.21
N TYR A 354 12.82 5.40 -11.28
CA TYR A 354 13.16 5.03 -9.88
C TYR A 354 12.45 3.74 -9.54
N TYR A 355 13.17 2.84 -8.88
CA TYR A 355 12.56 1.57 -8.50
C TYR A 355 13.12 1.17 -7.13
N ASP A 356 12.48 0.23 -6.44
CA ASP A 356 12.86 -0.12 -5.10
C ASP A 356 14.05 -1.09 -5.26
N LYS A 357 15.24 -0.76 -4.75
CA LYS A 357 16.42 -1.60 -4.91
C LYS A 357 16.28 -2.93 -4.18
N GLY A 358 15.43 -2.96 -3.19
CA GLY A 358 15.03 -4.18 -2.60
C GLY A 358 14.19 -5.16 -3.43
N SER A 359 13.62 -4.70 -4.57
CA SER A 359 12.78 -5.59 -5.45
C SER A 359 13.57 -6.03 -6.68
N SER A 360 13.86 -7.33 -6.74
CA SER A 360 14.59 -7.90 -7.85
C SER A 360 13.71 -7.83 -9.08
N SER A 361 12.42 -8.08 -8.91
CA SER A 361 11.48 -7.94 -10.01
C SER A 361 11.38 -6.49 -10.54
N GLN A 362 11.41 -5.49 -9.67
CA GLN A 362 11.37 -4.10 -10.14
C GLN A 362 12.70 -3.76 -10.87
N LYS A 363 13.80 -4.22 -10.31
CA LYS A 363 15.11 -4.02 -10.91
C LYS A 363 15.22 -4.67 -12.31
N GLU A 364 14.86 -5.94 -12.42
CA GLU A 364 14.89 -6.60 -13.73
C GLU A 364 14.01 -5.88 -14.76
N GLN A 365 12.86 -5.40 -14.31
CA GLN A 365 11.96 -4.63 -15.20
C GLN A 365 12.55 -3.31 -15.65
N ALA A 366 13.12 -2.61 -14.69
CA ALA A 366 13.89 -1.40 -14.96
C ALA A 366 15.02 -1.67 -15.98
N GLU A 367 15.74 -2.76 -15.85
CA GLU A 367 16.86 -3.04 -16.79
C GLU A 367 16.39 -3.33 -18.22
N TYR A 368 15.34 -4.13 -18.29
CA TYR A 368 14.66 -4.42 -19.51
C TYR A 368 14.25 -3.19 -20.24
N LEU A 369 13.46 -2.34 -19.55
CA LEU A 369 12.93 -1.18 -20.13
C LEU A 369 14.00 -0.19 -20.53
N GLN A 370 15.02 -0.03 -19.72
CA GLN A 370 16.19 0.71 -20.12
C GLN A 370 16.81 0.25 -21.47
N ALA A 371 16.92 -1.05 -21.65
CA ALA A 371 17.40 -1.62 -22.94
C ALA A 371 16.41 -1.34 -24.06
N GLU A 372 15.13 -1.48 -23.77
CA GLU A 372 14.05 -1.26 -24.74
C GLU A 372 14.00 0.27 -25.13
N PHE A 373 14.24 1.14 -24.16
CA PHE A 373 14.18 2.59 -24.42
C PHE A 373 15.43 3.04 -25.24
N LYS A 374 16.56 2.36 -25.04
CA LYS A 374 17.75 2.68 -25.78
C LYS A 374 17.53 2.37 -27.26
N LYS A 375 16.88 1.27 -27.59
CA LYS A 375 16.51 0.98 -28.99
C LYS A 375 15.72 2.10 -29.62
N MET A 376 14.89 2.79 -28.87
CA MET A 376 14.13 3.91 -29.34
C MET A 376 14.88 5.22 -29.35
N GLY A 377 16.12 5.24 -28.89
CA GLY A 377 16.88 6.47 -28.81
C GLY A 377 16.63 7.33 -27.59
N ILE A 378 16.11 6.71 -26.54
CA ILE A 378 15.92 7.41 -25.24
C ILE A 378 16.90 6.89 -24.24
N LYS A 379 17.53 7.79 -23.53
CA LYS A 379 18.42 7.36 -22.47
C LYS A 379 17.64 7.31 -21.13
N LEU A 380 17.31 6.10 -20.68
CA LEU A 380 16.58 5.90 -19.45
C LEU A 380 17.61 5.62 -18.36
N ASN A 381 17.78 6.57 -17.47
CA ASN A 381 18.64 6.44 -16.29
C ASN A 381 17.84 5.77 -15.18
N ILE A 382 18.30 4.64 -14.68
CA ILE A 382 17.54 3.91 -13.67
C ILE A 382 18.25 3.99 -12.35
N ASN A 383 17.47 4.15 -11.29
CA ASN A 383 17.99 4.45 -9.95
C ASN A 383 17.22 3.57 -8.96
N GLY A 384 17.89 2.55 -8.42
CA GLY A 384 17.40 1.77 -7.30
C GLY A 384 17.58 2.46 -5.97
N GLU A 385 16.50 2.70 -5.26
CA GLU A 385 16.52 3.39 -3.97
C GLU A 385 15.67 2.62 -2.97
N THR A 386 15.68 3.06 -1.70
CA THR A 386 14.78 2.49 -0.72
C THR A 386 13.33 2.86 -1.08
N SER A 387 12.41 2.01 -0.63
CA SER A 387 11.01 2.31 -0.86
C SER A 387 10.62 3.61 -0.12
N ASP A 388 11.32 3.94 0.97
CA ASP A 388 11.07 5.17 1.71
C ASP A 388 11.39 6.35 0.81
N LYS A 389 12.52 6.28 0.13
CA LYS A 389 12.91 7.34 -0.83
C LYS A 389 11.96 7.45 -2.05
N ILE A 390 11.58 6.31 -2.58
CA ILE A 390 10.54 6.25 -3.66
C ILE A 390 9.28 7.00 -3.18
N ALA A 391 8.82 6.71 -1.96
CA ALA A 391 7.62 7.38 -1.47
C ALA A 391 7.75 8.88 -1.31
N GLU A 392 8.92 9.33 -0.87
CA GLU A 392 9.18 10.73 -0.74
C GLU A 392 9.16 11.39 -2.11
N ARG A 393 9.76 10.74 -3.09
CA ARG A 393 9.73 11.23 -4.45
C ARG A 393 8.28 11.25 -4.93
N ARG A 394 7.53 10.23 -4.63
CA ARG A 394 6.06 10.26 -5.03
C ARG A 394 5.32 11.47 -4.47
N THR A 395 5.70 11.90 -3.26
CA THR A 395 5.06 13.08 -2.69
C THR A 395 5.66 14.40 -3.25
N SER A 396 6.97 14.47 -3.43
CA SER A 396 7.57 15.71 -3.87
C SER A 396 7.43 15.93 -5.36
N GLY A 397 7.41 14.87 -6.15
CA GLY A 397 7.34 15.05 -7.62
C GLY A 397 8.71 15.03 -8.24
N ASP A 398 9.72 14.71 -7.48
CA ASP A 398 11.04 14.61 -8.04
C ASP A 398 11.31 13.28 -8.68
N TYR A 399 10.75 13.10 -9.86
CA TYR A 399 10.92 11.84 -10.63
C TYR A 399 10.30 12.06 -11.99
N ASP A 400 10.85 11.40 -12.99
CA ASP A 400 10.12 11.23 -14.29
C ASP A 400 9.21 10.00 -14.38
N LEU A 401 9.76 8.83 -14.03
CA LEU A 401 8.98 7.58 -14.00
C LEU A 401 9.35 6.86 -12.73
N MET A 402 8.40 6.15 -12.14
CA MET A 402 8.69 5.25 -11.04
C MET A 402 7.79 4.05 -11.10
N PHE A 403 8.32 2.92 -10.60
CA PHE A 403 7.45 1.78 -10.25
C PHE A 403 6.66 2.07 -9.02
N ASN A 404 5.38 1.65 -9.08
CA ASN A 404 4.47 1.70 -7.95
C ASN A 404 3.40 0.60 -8.06
N GLN A 405 2.42 0.63 -7.17
CA GLN A 405 1.31 -0.28 -7.19
C GLN A 405 0.11 0.33 -6.51
N THR A 406 -1.07 -0.11 -6.94
CA THR A 406 -2.29 0.20 -6.29
C THR A 406 -2.42 -0.49 -4.92
N TRP A 407 -3.41 -0.04 -4.15
CA TRP A 407 -3.42 -0.24 -2.72
C TRP A 407 -4.21 -1.46 -2.21
N GLY A 408 -4.88 -2.20 -3.12
CA GLY A 408 -5.43 -3.51 -2.81
C GLY A 408 -6.93 -3.54 -2.66
N LEU A 409 -7.41 -4.68 -2.17
CA LEU A 409 -8.86 -4.95 -2.21
C LEU A 409 -9.75 -4.01 -1.40
N LEU A 410 -9.26 -3.47 -0.28
CA LEU A 410 -10.07 -2.54 0.54
C LEU A 410 -10.00 -1.10 0.06
N TYR A 411 -9.03 -0.79 -0.80
CA TYR A 411 -8.74 0.59 -1.25
C TYR A 411 -9.07 0.85 -2.69
N ASP A 412 -8.80 -0.15 -3.53
CA ASP A 412 -9.15 -0.07 -4.98
C ASP A 412 -10.61 -0.27 -5.18
N PRO A 413 -11.32 0.59 -5.91
CA PRO A 413 -10.78 1.73 -6.63
C PRO A 413 -10.95 3.04 -5.89
N GLN A 414 -11.94 3.13 -5.00
CA GLN A 414 -12.32 4.43 -4.49
C GLN A 414 -11.15 5.20 -3.78
N SER A 415 -10.41 4.55 -2.91
CA SER A 415 -9.32 5.24 -2.17
C SER A 415 -8.09 5.58 -3.04
N THR A 416 -7.72 4.64 -3.90
CA THR A 416 -6.67 4.86 -4.85
C THR A 416 -6.95 5.99 -5.85
N ILE A 417 -8.19 6.09 -6.28
CA ILE A 417 -8.68 7.19 -7.08
C ILE A 417 -8.68 8.51 -6.32
N ALA A 418 -9.20 8.53 -5.11
CA ALA A 418 -9.10 9.72 -4.23
C ALA A 418 -7.61 10.16 -4.10
N ALA A 419 -6.72 9.21 -4.08
CA ALA A 419 -5.26 9.48 -3.99
C ALA A 419 -4.67 10.14 -5.23
N PHE A 420 -5.38 10.07 -6.34
CA PHE A 420 -4.95 10.81 -7.53
C PHE A 420 -4.82 12.31 -7.31
N LYS A 421 -5.55 12.82 -6.32
CA LYS A 421 -5.42 14.25 -5.93
C LYS A 421 -5.01 14.40 -4.48
N ALA A 422 -4.34 13.42 -3.91
CA ALA A 422 -3.76 13.60 -2.62
C ALA A 422 -2.26 13.76 -2.72
N LYS A 423 -1.74 14.66 -1.90
CA LYS A 423 -0.29 14.93 -1.80
C LYS A 423 0.50 13.68 -1.46
N ASN A 424 0.03 12.93 -0.48
CA ASN A 424 0.62 11.64 -0.13
C ASN A 424 0.23 10.45 -1.02
N GLY A 425 -0.40 10.68 -2.16
CA GLY A 425 -0.65 9.64 -3.12
C GLY A 425 0.02 10.00 -4.42
N TYR A 426 -0.79 10.15 -5.46
CA TYR A 426 -0.29 10.38 -6.80
C TYR A 426 -0.62 11.77 -7.35
N GLU A 427 -0.94 12.74 -6.51
CA GLU A 427 -1.15 14.11 -7.01
C GLU A 427 0.04 14.69 -7.83
N SER A 428 1.26 14.37 -7.45
CA SER A 428 2.40 14.75 -8.23
C SER A 428 2.18 14.37 -9.73
N ALA A 429 1.91 13.10 -9.96
CA ALA A 429 1.75 12.55 -11.34
C ALA A 429 0.58 13.09 -12.14
N THR A 430 -0.50 13.47 -11.45
CA THR A 430 -1.65 14.04 -12.15
C THR A 430 -1.64 15.55 -12.28
N SER A 431 -0.68 16.23 -11.62
CA SER A 431 -0.72 17.62 -11.41
C SER A 431 -0.47 18.39 -12.69
N GLY A 432 0.11 17.78 -13.69
CA GLY A 432 0.35 18.41 -14.99
C GLY A 432 -0.80 18.25 -16.00
N ILE A 433 -1.88 17.55 -15.65
CA ILE A 433 -3.01 17.40 -16.63
C ILE A 433 -3.77 18.72 -16.77
N GLU A 434 -4.02 19.15 -18.00
CA GLU A 434 -4.63 20.44 -18.23
C GLU A 434 -6.06 20.53 -17.69
N ASN A 435 -6.84 19.46 -17.83
CA ASN A 435 -8.19 19.41 -17.28
C ASN A 435 -8.23 18.88 -15.86
N LYS A 436 -7.17 19.13 -15.08
CA LYS A 436 -7.15 18.57 -13.76
C LYS A 436 -8.25 19.11 -12.84
N ASP A 437 -8.66 20.36 -12.98
CA ASP A 437 -9.72 20.90 -12.13
C ASP A 437 -11.07 20.07 -12.35
N LYS A 438 -11.45 19.87 -13.59
CA LYS A 438 -12.64 19.05 -13.91
C LYS A 438 -12.52 17.58 -13.45
N ILE A 439 -11.36 16.96 -13.64
CA ILE A 439 -11.19 15.55 -13.22
C ILE A 439 -11.25 15.35 -11.71
N TYR A 440 -10.55 16.23 -10.97
CA TYR A 440 -10.57 16.28 -9.49
C TYR A 440 -11.99 16.49 -8.94
N ASN A 441 -12.71 17.38 -9.56
CA ASN A 441 -14.12 17.61 -9.18
C ASN A 441 -14.96 16.40 -9.51
N SER A 442 -14.67 15.74 -10.62
CA SER A 442 -15.43 14.55 -10.97
C SER A 442 -15.18 13.46 -9.96
N ILE A 443 -13.95 13.43 -9.42
CA ILE A 443 -13.54 12.41 -8.44
C ILE A 443 -14.40 12.61 -7.16
N ASP A 444 -14.56 13.86 -6.75
CA ASP A 444 -15.31 14.19 -5.56
C ASP A 444 -16.75 13.82 -5.78
N ASP A 445 -17.31 14.25 -6.91
CA ASP A 445 -18.67 13.89 -7.28
C ASP A 445 -18.91 12.37 -7.31
N ALA A 446 -18.01 11.61 -7.92
CA ALA A 446 -18.21 10.18 -8.04
C ALA A 446 -18.55 9.51 -6.69
N PHE A 447 -17.91 9.98 -5.63
CA PHE A 447 -18.03 9.30 -4.37
C PHE A 447 -19.39 9.53 -3.75
N LYS A 448 -20.12 10.53 -4.20
CA LYS A 448 -21.45 10.85 -3.71
C LYS A 448 -22.57 10.10 -4.46
N ILE A 449 -22.25 9.30 -5.47
CA ILE A 449 -23.25 8.66 -6.35
C ILE A 449 -23.69 7.33 -5.72
N GLN A 450 -24.99 7.18 -5.41
CA GLN A 450 -25.43 6.00 -4.65
C GLN A 450 -25.68 4.78 -5.51
N ASN A 451 -26.10 5.02 -6.75
CA ASN A 451 -26.40 3.95 -7.67
C ASN A 451 -25.09 3.37 -8.24
N GLY A 452 -24.96 2.03 -8.15
CA GLY A 452 -23.72 1.32 -8.47
C GLY A 452 -23.29 1.54 -9.89
N LYS A 453 -24.25 1.43 -10.80
CA LYS A 453 -24.00 1.58 -12.19
C LYS A 453 -23.63 3.02 -12.57
N GLU A 454 -24.31 4.02 -12.01
CA GLU A 454 -23.95 5.41 -12.27
C GLU A 454 -22.54 5.71 -11.72
N ARG A 455 -22.19 5.11 -10.60
CA ARG A 455 -20.89 5.33 -9.99
C ARG A 455 -19.79 4.71 -10.83
N SER A 456 -20.00 3.49 -11.26
CA SER A 456 -19.06 2.79 -12.12
C SER A 456 -18.84 3.59 -13.37
N ASP A 457 -19.91 4.14 -13.93
CA ASP A 457 -19.74 5.08 -15.05
C ASP A 457 -19.00 6.36 -14.77
N ALA A 458 -19.23 6.94 -13.61
CA ALA A 458 -18.44 8.10 -13.22
C ALA A 458 -16.92 7.74 -13.13
N TYR A 459 -16.60 6.58 -12.56
CA TYR A 459 -15.25 6.09 -12.47
C TYR A 459 -14.66 5.83 -13.84
N LYS A 460 -15.46 5.28 -14.76
CA LYS A 460 -15.06 5.07 -16.11
C LYS A 460 -14.72 6.38 -16.81
N ASN A 461 -15.54 7.40 -16.64
CA ASN A 461 -15.26 8.66 -17.27
C ASN A 461 -13.92 9.24 -16.72
N ILE A 462 -13.60 9.01 -15.43
CA ILE A 462 -12.39 9.56 -14.83
C ILE A 462 -11.21 8.80 -15.41
N LEU A 463 -11.31 7.48 -15.37
CA LEU A 463 -10.21 6.61 -15.72
C LEU A 463 -9.87 6.69 -17.19
N LYS A 464 -10.88 6.81 -18.04
CA LYS A 464 -10.69 7.10 -19.46
C LYS A 464 -9.81 8.31 -19.67
N GLN A 465 -10.05 9.40 -18.96
CA GLN A 465 -9.26 10.62 -19.15
C GLN A 465 -7.85 10.48 -18.60
N ILE A 466 -7.77 9.81 -17.48
CA ILE A 466 -6.49 9.45 -16.89
C ILE A 466 -5.68 8.52 -17.81
N ASP A 467 -6.33 7.59 -18.49
CA ASP A 467 -5.67 6.69 -19.43
C ASP A 467 -5.18 7.52 -20.63
N ASP A 468 -6.05 8.36 -21.16
CA ASP A 468 -5.73 9.31 -22.22
C ASP A 468 -4.45 10.09 -21.93
N GLU A 469 -4.26 10.45 -20.68
CA GLU A 469 -3.10 11.19 -20.28
C GLU A 469 -1.81 10.41 -20.16
N GLY A 470 -1.89 9.09 -20.03
CA GLY A 470 -0.70 8.27 -19.95
C GLY A 470 0.02 8.44 -18.63
N ILE A 471 -0.73 8.74 -17.56
CA ILE A 471 -0.15 8.90 -16.21
C ILE A 471 0.30 7.55 -15.63
N PHE A 472 -0.49 6.51 -15.85
CA PHE A 472 -0.17 5.20 -15.27
C PHE A 472 -0.07 4.21 -16.39
N ILE A 473 0.97 3.39 -16.36
CA ILE A 473 1.12 2.29 -17.32
C ILE A 473 1.01 0.96 -16.56
N PRO A 474 -0.18 0.31 -16.63
CA PRO A 474 -0.28 -0.98 -15.91
C PRO A 474 0.63 -2.05 -16.51
N ILE A 475 1.11 -2.92 -15.65
CA ILE A 475 2.04 -3.95 -16.07
C ILE A 475 1.56 -5.37 -15.69
N SER A 476 1.38 -5.64 -14.41
CA SER A 476 1.10 -6.95 -13.91
C SER A 476 0.19 -6.82 -12.68
N HIS A 477 -0.37 -7.97 -12.20
CA HIS A 477 -1.26 -7.99 -11.01
C HIS A 477 -0.50 -8.67 -9.94
N GLY A 478 -0.31 -7.96 -8.84
CA GLY A 478 0.44 -8.48 -7.74
C GLY A 478 -0.38 -9.29 -6.77
N SER A 479 0.28 -10.25 -6.14
CA SER A 479 -0.26 -10.99 -5.01
C SER A 479 0.62 -10.75 -3.81
N MET A 480 0.11 -11.16 -2.66
CA MET A 480 0.93 -11.27 -1.46
C MET A 480 1.51 -12.68 -1.36
N THR A 481 2.82 -12.78 -1.16
CA THR A 481 3.50 -14.04 -1.08
C THR A 481 4.11 -14.18 0.30
N VAL A 482 4.02 -15.37 0.87
CA VAL A 482 4.49 -15.66 2.20
C VAL A 482 5.36 -16.94 2.15
N VAL A 483 6.58 -16.87 2.67
CA VAL A 483 7.34 -18.06 2.98
C VAL A 483 7.23 -18.31 4.48
N ALA A 484 6.98 -19.55 4.85
CA ALA A 484 6.78 -19.92 6.25
C ALA A 484 7.34 -21.33 6.52
N PRO A 485 7.76 -21.64 7.77
CA PRO A 485 8.13 -23.02 8.14
C PRO A 485 7.05 -24.00 7.73
N LYS A 486 7.45 -25.16 7.22
CA LYS A 486 6.48 -26.16 6.75
C LYS A 486 5.49 -26.61 7.83
N ASP A 487 5.92 -26.55 9.09
CA ASP A 487 5.01 -26.88 10.19
C ASP A 487 4.36 -25.69 10.90
N LEU A 488 4.40 -24.49 10.30
CA LEU A 488 3.51 -23.40 10.76
C LEU A 488 2.12 -23.51 10.13
N GLU A 489 1.12 -23.76 10.96
CA GLU A 489 -0.28 -23.78 10.56
C GLU A 489 -0.86 -22.35 10.68
N LYS A 490 -2.01 -22.23 10.05
CA LYS A 490 -2.88 -21.10 10.11
C LYS A 490 -2.30 -19.82 9.54
N VAL A 491 -1.41 -19.96 8.58
CA VAL A 491 -1.05 -18.81 7.77
C VAL A 491 -2.15 -18.63 6.76
N SER A 492 -2.77 -17.47 6.78
CA SER A 492 -3.80 -17.18 5.79
C SER A 492 -3.88 -15.68 5.49
N PHE A 493 -4.70 -15.27 4.50
CA PHE A 493 -4.74 -13.89 4.07
C PHE A 493 -6.06 -13.24 4.43
N THR A 494 -6.04 -11.95 4.68
CA THR A 494 -7.28 -11.17 4.94
C THR A 494 -7.53 -10.48 3.62
N GLN A 495 -8.43 -9.49 3.62
CA GLN A 495 -8.66 -8.66 2.41
C GLN A 495 -7.47 -7.72 2.07
N SER A 496 -6.57 -7.52 3.03
CA SER A 496 -5.51 -6.57 2.93
C SER A 496 -4.23 -7.23 2.44
N GLN A 497 -3.44 -6.46 1.71
CA GLN A 497 -2.05 -6.81 1.39
C GLN A 497 -1.07 -6.26 2.42
N TYR A 498 -1.58 -5.72 3.52
CA TYR A 498 -0.77 -5.00 4.53
C TYR A 498 -0.83 -5.58 5.94
N GLU A 499 -1.34 -6.78 6.09
CA GLU A 499 -1.37 -7.46 7.42
C GLU A 499 -1.41 -8.95 7.27
N LEU A 500 -1.08 -9.63 8.36
CA LEU A 500 -1.18 -11.06 8.41
C LEU A 500 -1.60 -11.47 9.82
N PRO A 501 -2.26 -12.62 9.94
CA PRO A 501 -2.83 -13.05 11.26
C PRO A 501 -1.78 -13.71 12.10
N PHE A 502 -0.84 -12.89 12.50
CA PHE A 502 0.23 -13.41 13.35
C PHE A 502 -0.25 -14.08 14.64
N ASN A 503 -1.34 -13.59 15.22
CA ASN A 503 -1.85 -14.14 16.46
C ASN A 503 -2.63 -15.43 16.32
N GLU A 504 -2.85 -15.86 15.07
CA GLU A 504 -3.53 -17.12 14.77
C GLU A 504 -2.58 -18.21 14.37
N MET A 505 -1.38 -17.84 13.94
CA MET A 505 -0.41 -18.83 13.45
C MET A 505 0.11 -19.66 14.61
N GLN A 506 0.47 -20.89 14.30
CA GLN A 506 0.72 -21.90 15.32
C GLN A 506 1.55 -23.10 14.79
N TYR A 507 2.61 -23.43 15.44
CA TYR A 507 3.36 -24.61 15.05
C TYR A 507 2.72 -26.00 15.33
N LYS A 508 3.15 -26.92 14.45
CA LYS A 508 2.80 -28.33 14.20
C LYS A 508 1.36 -28.70 14.15
ZN ZN B . 0.21 4.50 2.15
C1 GOL C . -11.68 7.17 -0.63
O1 GOL C . -10.53 7.13 0.21
C2 GOL C . -12.83 8.04 -0.18
O2 GOL C . -13.22 7.88 1.18
C3 GOL C . -14.03 7.82 -1.13
O3 GOL C . -15.27 7.58 -0.46
C1 GOL D . 8.92 3.25 16.99
O1 GOL D . 8.78 3.98 15.76
C2 GOL D . 10.33 2.77 17.23
O2 GOL D . 11.18 3.89 17.30
C3 GOL D . 10.59 1.82 18.45
O3 GOL D . 10.24 2.44 19.67
C1 GOL E . -5.68 4.86 -24.28
O1 GOL E . -5.77 3.48 -24.68
C2 GOL E . -7.08 5.47 -24.35
O2 GOL E . -7.72 5.54 -23.04
C3 GOL E . -7.06 6.86 -24.94
O3 GOL E . -7.83 7.74 -24.10
C1 GOL F . -13.53 12.91 -1.84
O1 GOL F . -14.61 13.79 -1.65
C2 GOL F . -12.28 13.29 -1.07
O2 GOL F . -12.57 13.89 0.21
C3 GOL F . -11.62 11.94 -0.84
O3 GOL F . -10.25 12.18 -0.58
C1 GOL G . 3.56 8.79 3.86
O1 GOL G . 2.27 9.28 3.52
C2 GOL G . 4.10 7.79 2.85
O2 GOL G . 5.52 7.70 2.77
C3 GOL G . 3.62 7.98 1.40
O3 GOL G . 3.20 6.64 1.12
C1 PEG H . -9.78 -4.94 8.50
O1 PEG H . -10.44 -3.87 9.19
C2 PEG H . -9.25 -4.48 7.15
O2 PEG H . -7.83 -4.69 7.18
C3 PEG H . -7.09 -3.61 7.79
C4 PEG H . -6.66 -3.74 9.25
O4 PEG H . -7.30 -2.76 10.17
O 8UX I . 0.68 6.38 2.43
C 8UX I . -0.20 7.27 2.58
OXT 8UX I . -0.01 8.40 3.01
CA 8UX I . -1.66 6.95 2.29
CB 8UX I . -2.56 7.52 3.45
N 8UX I . -1.81 5.53 2.02
CAV 8UX I . -2.58 4.51 2.89
CAR 8UX I . -1.87 4.17 4.21
OAF 8UX I . -2.54 3.78 5.21
OAC 8UX I . -0.65 4.29 4.18
CAK 8UX I . -2.86 3.19 2.22
CAJ 8UX I . -1.89 2.90 1.08
NAN 8UX I . -0.61 2.39 1.54
CAW 8UX I . 0.40 2.21 0.46
CAS 8UX I . 0.77 3.42 -0.44
OAG 8UX I . 1.16 3.09 -1.63
OAD 8UX I . 0.59 4.64 -0.01
CAL 8UX I . 1.58 1.46 1.02
CAT 8UX I . 2.25 2.28 2.06
CAI 8UX I . 3.27 1.80 2.71
NAM 8UX I . 3.63 2.73 3.58
CAH 8UX I . 2.85 3.76 3.47
NAP 8UX I . 1.97 3.50 2.52
CL CL J . -6.29 -5.99 -16.38
C ACT K . -23.99 -4.82 15.24
O ACT K . -23.09 -5.44 15.87
OXT ACT K . -24.44 -5.13 14.11
CH3 ACT K . -24.56 -3.67 15.92
#